data_1QXY
#
_entry.id   1QXY
#
_cell.length_a   40.970
_cell.length_b   76.690
_cell.length_c   41.660
_cell.angle_alpha   90.00
_cell.angle_beta   104.50
_cell.angle_gamma   90.00
#
_symmetry.space_group_name_H-M   'P 1 21 1'
#
loop_
_entity.id
_entity.type
_entity.pdbx_description
1 polymer 'methionyl aminopeptidase'
2 non-polymer 'COBALT (II) ION'
3 non-polymer 'ACETATE ION'
4 non-polymer (2S)-2-AMINO-4-(METHYLSULFANYL)-1-PYRIDIN-2-YLBUTANE-1,1-DIOL
5 water water
#
_entity_poly.entity_id   1
_entity_poly.type   'polypeptide(L)'
_entity_poly.pdbx_seq_one_letter_code
;MIVKTEEELQALKEIGYICAKVRNTMQAATKPGITTKELDNIAKELFEEYGAISAPIHDENFPGQTCISVNEEVAHGIPS
KRVIREGDLVNIDVSALKNGYYADTGISFVVGESDDPMKQKVCDVATMAFENAIAKVKPGTKLSNIGKAVHNTARQNDLK
VIKNLTGHGVGLSLHEAPAHVLNYFDPKDKTLLTEGMVLAIEPFISSNASFVTEGKNEWAFETSDKSFVAQIEHTVIVTK
DGPILTTKIEEE
;
_entity_poly.pdbx_strand_id   A
#
loop_
_chem_comp.id
_chem_comp.type
_chem_comp.name
_chem_comp.formula
ACT non-polymer 'ACETATE ION' 'C2 H3 O2 -1'
CO non-polymer 'COBALT (II) ION' 'Co 2'
M2C non-polymer (2S)-2-AMINO-4-(METHYLSULFANYL)-1-PYRIDIN-2-YLBUTANE-1,1-DIOL 'C10 H16 N2 O2 S'
#
# COMPACT_ATOMS: atom_id res chain seq x y z
N MET A 1 -11.95 -8.76 6.55
CA MET A 1 -12.78 -9.56 7.51
C MET A 1 -13.42 -8.62 8.48
N ILE A 2 -14.35 -9.18 9.24
CA ILE A 2 -14.89 -8.53 10.41
C ILE A 2 -14.27 -9.12 11.70
N VAL A 3 -13.58 -8.31 12.49
CA VAL A 3 -13.04 -8.77 13.76
C VAL A 3 -14.17 -8.97 14.76
N LYS A 4 -14.26 -10.16 15.32
CA LYS A 4 -15.26 -10.49 16.32
C LYS A 4 -14.64 -10.95 17.62
N THR A 5 -13.37 -11.36 17.64
CA THR A 5 -12.78 -11.88 18.87
C THR A 5 -11.46 -11.22 19.14
N GLU A 6 -11.08 -11.26 20.40
CA GLU A 6 -9.79 -10.73 20.81
C GLU A 6 -8.65 -11.52 20.15
N GLU A 7 -8.82 -12.82 19.94
CA GLU A 7 -7.77 -13.61 19.31
C GLU A 7 -7.56 -13.19 17.85
N GLU A 8 -8.63 -12.86 17.17
CA GLU A 8 -8.49 -12.36 15.80
C GLU A 8 -7.77 -11.04 15.80
N LEU A 9 -8.16 -10.14 16.69
CA LEU A 9 -7.52 -8.84 16.82
C LEU A 9 -6.02 -8.99 17.05
N GLN A 10 -5.66 -9.83 17.99
CA GLN A 10 -4.24 -10.07 18.27
C GLN A 10 -3.51 -10.62 17.05
N ALA A 11 -4.11 -11.55 16.34
CA ALA A 11 -3.47 -12.13 15.17
C ALA A 11 -3.25 -11.08 14.11
N LEU A 12 -4.21 -10.20 13.90
CA LEU A 12 -4.04 -9.11 12.94
C LEU A 12 -2.98 -8.12 13.36
N LYS A 13 -2.95 -7.81 14.66
CA LYS A 13 -1.90 -6.92 15.16
C LYS A 13 -0.54 -7.55 14.99
N GLU A 14 -0.39 -8.85 15.18
CA GLU A 14 0.92 -9.48 15.03
C GLU A 14 1.42 -9.40 13.62
N ILE A 15 0.61 -9.79 12.66
CA ILE A 15 1.06 -9.77 11.27
C ILE A 15 1.26 -8.33 10.76
N GLY A 16 0.42 -7.42 11.24
CA GLY A 16 0.64 -6.01 10.90
C GLY A 16 1.96 -5.46 11.40
N TYR A 17 2.30 -5.80 12.63
CA TYR A 17 3.61 -5.41 13.16
C TYR A 17 4.73 -5.95 12.29
N ILE A 18 4.65 -7.24 11.94
CA ILE A 18 5.70 -7.83 11.16
C ILE A 18 5.84 -7.13 9.82
N CYS A 19 4.72 -6.84 9.15
CA CYS A 19 4.81 -6.14 7.88
C CYS A 19 5.34 -4.76 8.02
N ALA A 20 4.96 -4.04 9.07
CA ALA A 20 5.53 -2.71 9.31
C ALA A 20 7.01 -2.75 9.55
N LYS A 21 7.47 -3.73 10.33
CA LYS A 21 8.89 -3.88 10.63
C LYS A 21 9.66 -4.14 9.35
N VAL A 22 9.15 -5.04 8.52
CA VAL A 22 9.80 -5.32 7.26
C VAL A 22 9.85 -4.09 6.36
N ARG A 23 8.68 -3.43 6.22
CA ARG A 23 8.59 -2.20 5.40
C ARG A 23 9.64 -1.19 5.90
N ASN A 24 9.72 -0.93 7.20
CA ASN A 24 10.61 0.06 7.72
C ASN A 24 12.07 -0.33 7.48
N THR A 25 12.38 -1.60 7.67
CA THR A 25 13.75 -2.08 7.50
C THR A 25 14.21 -1.98 6.05
N MET A 26 13.33 -2.35 5.14
CA MET A 26 13.60 -2.24 3.72
C MET A 26 13.79 -0.79 3.32
N GLN A 27 12.89 0.09 3.76
CA GLN A 27 13.00 1.51 3.41
C GLN A 27 14.35 2.05 3.90
N ALA A 28 14.70 1.75 5.14
CA ALA A 28 15.95 2.25 5.71
C ALA A 28 17.16 1.77 4.92
N ALA A 29 17.08 0.59 4.32
CA ALA A 29 18.16 0.02 3.56
C ALA A 29 18.21 0.48 2.12
N THR A 30 17.22 1.25 1.67
CA THR A 30 17.15 1.64 0.26
C THR A 30 18.05 2.84 0.04
N LYS A 31 19.12 2.62 -0.68
CA LYS A 31 20.16 3.62 -0.94
C LYS A 31 20.70 3.37 -2.32
N PRO A 32 21.29 4.37 -2.96
CA PRO A 32 21.94 4.12 -4.24
C PRO A 32 22.94 2.97 -4.11
N GLY A 33 22.89 2.11 -5.10
CA GLY A 33 23.80 0.98 -5.14
C GLY A 33 23.29 -0.33 -4.64
N ILE A 34 22.17 -0.36 -3.93
CA ILE A 34 21.53 -1.63 -3.57
C ILE A 34 20.62 -2.05 -4.69
N THR A 35 20.52 -3.37 -4.91
CA THR A 35 19.55 -3.86 -5.88
C THR A 35 18.21 -4.15 -5.20
N THR A 36 17.15 -4.16 -6.01
CA THR A 36 15.83 -4.47 -5.46
C THR A 36 15.79 -5.90 -4.97
N LYS A 37 16.52 -6.84 -5.55
CA LYS A 37 16.59 -8.17 -5.00
C LYS A 37 17.23 -8.21 -3.63
N GLU A 38 18.29 -7.44 -3.43
CA GLU A 38 18.91 -7.39 -2.12
C GLU A 38 17.93 -6.86 -1.10
N LEU A 39 17.13 -5.85 -1.47
CA LEU A 39 16.10 -5.36 -0.55
C LEU A 39 15.07 -6.46 -0.23
N ASP A 40 14.66 -7.21 -1.25
CA ASP A 40 13.70 -8.30 -1.09
C ASP A 40 14.25 -9.40 -0.14
N ASN A 41 15.55 -9.60 -0.20
CA ASN A 41 16.18 -10.57 0.68
C ASN A 41 16.05 -10.19 2.15
N ILE A 42 15.96 -8.89 2.47
CA ILE A 42 15.69 -8.46 3.84
C ILE A 42 14.34 -9.01 4.29
N ALA A 43 13.31 -8.87 3.45
CA ALA A 43 12.00 -9.41 3.76
C ALA A 43 12.07 -10.91 3.93
N LYS A 44 12.79 -11.61 3.06
CA LYS A 44 12.90 -13.07 3.22
C LYS A 44 13.37 -13.42 4.63
N GLU A 45 14.44 -12.78 5.07
CA GLU A 45 15.04 -13.11 6.36
C GLU A 45 14.12 -12.74 7.51
N LEU A 46 13.49 -11.57 7.44
CA LEU A 46 12.59 -11.17 8.50
C LEU A 46 11.32 -11.97 8.55
N PHE A 47 10.73 -12.28 7.41
CA PHE A 47 9.54 -13.13 7.46
C PHE A 47 9.89 -14.45 8.15
N GLU A 48 11.04 -15.04 7.82
CA GLU A 48 11.45 -16.30 8.47
C GLU A 48 11.62 -16.12 9.96
N GLU A 49 12.28 -15.05 10.35
CA GLU A 49 12.52 -14.79 11.76
C GLU A 49 11.23 -14.67 12.57
N TYR A 50 10.22 -14.02 11.96
CA TYR A 50 8.97 -13.75 12.65
C TYR A 50 7.88 -14.77 12.38
N GLY A 51 8.17 -15.81 11.62
CA GLY A 51 7.22 -16.87 11.38
C GLY A 51 6.08 -16.50 10.47
N ALA A 52 6.34 -15.56 9.53
CA ALA A 52 5.33 -15.14 8.55
C ALA A 52 5.73 -15.64 7.18
N ILE A 53 4.77 -15.57 6.24
CA ILE A 53 4.97 -15.96 4.87
C ILE A 53 4.53 -14.83 3.95
N SER A 54 5.28 -14.61 2.89
CA SER A 54 4.94 -13.63 1.86
C SER A 54 3.58 -13.91 1.29
N ALA A 55 2.69 -12.91 1.29
CA ALA A 55 1.41 -13.04 0.63
C ALA A 55 1.54 -13.06 -0.89
N PRO A 56 2.41 -12.24 -1.51
CA PRO A 56 2.56 -12.37 -2.94
C PRO A 56 2.98 -13.79 -3.33
N ILE A 57 3.93 -14.42 -2.66
CA ILE A 57 4.35 -15.78 -3.01
C ILE A 57 3.20 -16.77 -2.76
N HIS A 58 2.60 -16.68 -1.59
CA HIS A 58 1.56 -17.62 -1.15
C HIS A 58 0.27 -17.53 -1.97
N ASP A 59 -0.29 -16.33 -2.07
CA ASP A 59 -1.59 -16.09 -2.68
C ASP A 59 -1.45 -16.08 -4.24
N GLU A 60 -0.36 -15.52 -4.78
CA GLU A 60 -0.26 -15.22 -6.22
C GLU A 60 0.86 -15.95 -6.99
N ASN A 61 1.72 -16.72 -6.31
CA ASN A 61 2.90 -17.28 -6.93
C ASN A 61 3.72 -16.16 -7.57
N PHE A 62 3.77 -14.99 -6.92
CA PHE A 62 4.59 -13.84 -7.37
C PHE A 62 6.06 -14.19 -7.13
N PRO A 63 6.93 -13.91 -8.09
CA PRO A 63 8.37 -14.25 -7.93
C PRO A 63 9.08 -13.17 -7.13
N GLY A 64 8.74 -13.09 -5.86
CA GLY A 64 9.38 -12.14 -4.97
C GLY A 64 8.69 -12.14 -3.62
N GLN A 65 9.44 -11.89 -2.56
CA GLN A 65 8.82 -11.80 -1.24
C GLN A 65 7.83 -10.63 -1.15
N THR A 66 8.25 -9.51 -1.74
CA THR A 66 7.58 -8.24 -1.76
C THR A 66 7.52 -7.70 -3.15
N CYS A 67 6.74 -6.62 -3.31
CA CYS A 67 6.68 -5.91 -4.57
C CYS A 67 7.47 -4.60 -4.41
N ILE A 68 8.43 -4.36 -5.31
CA ILE A 68 9.27 -3.18 -5.23
C ILE A 68 9.24 -2.56 -6.59
N SER A 69 8.70 -1.34 -6.68
CA SER A 69 8.36 -0.68 -7.95
C SER A 69 9.11 0.64 -8.00
N VAL A 70 9.86 0.86 -9.08
CA VAL A 70 10.70 2.02 -9.17
C VAL A 70 10.38 2.88 -10.40
N ASN A 71 10.26 4.19 -10.18
CA ASN A 71 10.16 5.24 -11.21
C ASN A 71 8.96 5.00 -12.14
N GLU A 72 9.19 4.46 -13.32
CA GLU A 72 8.09 4.19 -14.24
C GLU A 72 7.12 3.14 -13.69
N GLU A 73 7.61 2.23 -12.83
CA GLU A 73 6.74 1.26 -12.17
C GLU A 73 6.06 1.84 -10.96
N VAL A 74 4.77 1.60 -10.91
CA VAL A 74 3.86 2.10 -9.87
C VAL A 74 3.55 1.02 -8.84
N ALA A 75 3.41 -0.22 -9.29
CA ALA A 75 2.98 -1.32 -8.40
C ALA A 75 3.41 -2.65 -9.02
N HIS A 76 3.52 -3.63 -8.15
CA HIS A 76 3.78 -5.02 -8.54
C HIS A 76 5.13 -5.24 -9.20
N GLY A 77 6.10 -4.37 -8.95
CA GLY A 77 7.43 -4.56 -9.50
C GLY A 77 8.11 -5.78 -8.92
N ILE A 78 8.85 -6.47 -9.77
CA ILE A 78 9.54 -7.72 -9.41
C ILE A 78 10.95 -7.43 -8.93
N PRO A 79 11.28 -7.78 -7.70
CA PRO A 79 12.65 -7.56 -7.22
C PRO A 79 13.62 -8.29 -8.13
N SER A 80 14.74 -7.63 -8.46
CA SER A 80 15.63 -8.08 -9.51
C SER A 80 17.01 -7.44 -9.33
N LYS A 81 17.84 -7.63 -10.37
CA LYS A 81 19.15 -7.00 -10.38
C LYS A 81 19.11 -5.50 -10.59
N ARG A 82 17.94 -4.90 -10.78
CA ARG A 82 17.87 -3.45 -10.93
C ARG A 82 18.51 -2.75 -9.73
N VAL A 83 19.41 -1.78 -10.00
CA VAL A 83 20.09 -1.04 -8.93
C VAL A 83 19.35 0.25 -8.66
N ILE A 84 19.21 0.55 -7.37
CA ILE A 84 18.65 1.81 -6.99
C ILE A 84 19.65 2.91 -7.27
N ARG A 85 19.13 4.06 -7.73
CA ARG A 85 19.95 5.23 -8.03
C ARG A 85 19.42 6.44 -7.28
N GLU A 86 20.30 7.42 -7.10
CA GLU A 86 19.94 8.68 -6.51
C GLU A 86 18.76 9.29 -7.24
N GLY A 87 17.76 9.70 -6.47
CA GLY A 87 16.58 10.37 -6.98
C GLY A 87 15.47 9.41 -7.37
N ASP A 88 15.69 8.11 -7.22
CA ASP A 88 14.61 7.18 -7.56
C ASP A 88 13.39 7.38 -6.65
N LEU A 89 12.22 7.20 -7.25
CA LEU A 89 10.93 7.16 -6.54
C LEU A 89 10.57 5.65 -6.43
N VAL A 90 10.63 5.15 -5.21
CA VAL A 90 10.54 3.73 -4.93
C VAL A 90 9.25 3.50 -4.10
N ASN A 91 8.51 2.48 -4.51
CA ASN A 91 7.41 1.92 -3.69
C ASN A 91 7.81 0.57 -3.22
N ILE A 92 7.69 0.35 -1.93
CA ILE A 92 7.91 -0.99 -1.29
C ILE A 92 6.53 -1.36 -0.71
N ASP A 93 6.01 -2.49 -1.12
CA ASP A 93 4.67 -2.97 -0.73
C ASP A 93 4.83 -4.37 -0.10
N VAL A 94 4.59 -4.43 1.19
CA VAL A 94 4.80 -5.63 2.02
C VAL A 94 3.48 -6.17 2.50
N SER A 95 3.22 -7.41 2.14
CA SER A 95 2.02 -8.11 2.57
C SER A 95 2.39 -9.56 2.91
N ALA A 96 1.74 -10.05 3.98
CA ALA A 96 2.13 -11.37 4.51
C ALA A 96 1.03 -11.90 5.36
N LEU A 97 1.17 -13.19 5.66
CA LEU A 97 0.26 -13.88 6.53
C LEU A 97 1.01 -14.64 7.63
N LYS A 98 0.37 -14.79 8.78
CA LYS A 98 0.88 -15.57 9.89
C LYS A 98 -0.36 -16.10 10.64
N ASN A 99 -0.36 -17.41 10.90
CA ASN A 99 -1.46 -18.05 11.61
C ASN A 99 -2.78 -17.79 10.92
N GLY A 100 -2.76 -17.66 9.61
CA GLY A 100 -3.99 -17.47 8.86
C GLY A 100 -4.46 -16.04 8.66
N TYR A 101 -3.79 -15.08 9.26
CA TYR A 101 -4.24 -13.69 9.24
C TYR A 101 -3.21 -12.84 8.48
N TYR A 102 -3.71 -11.82 7.81
CA TYR A 102 -2.96 -11.01 6.86
C TYR A 102 -2.82 -9.56 7.27
N ALA A 103 -1.76 -8.95 6.75
CA ALA A 103 -1.59 -7.52 6.70
C ALA A 103 -0.98 -7.11 5.34
N ASP A 104 -1.16 -5.83 5.04
CA ASP A 104 -0.76 -5.25 3.78
C ASP A 104 -0.43 -3.79 4.00
N THR A 105 0.76 -3.40 3.64
CA THR A 105 1.21 -2.01 3.86
C THR A 105 2.22 -1.67 2.78
N GLY A 106 2.40 -0.40 2.53
CA GLY A 106 3.29 0.04 1.46
C GLY A 106 3.66 1.50 1.67
N ILE A 107 4.77 1.87 1.09
CA ILE A 107 5.24 3.25 1.16
C ILE A 107 6.04 3.57 -0.08
N SER A 108 5.83 4.77 -0.59
CA SER A 108 6.66 5.39 -1.62
C SER A 108 7.49 6.48 -1.01
N PHE A 109 8.74 6.57 -1.47
CA PHE A 109 9.67 7.56 -0.96
C PHE A 109 10.71 7.82 -2.05
N VAL A 110 11.43 8.94 -1.89
CA VAL A 110 12.48 9.34 -2.79
C VAL A 110 13.82 8.96 -2.15
N VAL A 111 14.67 8.37 -2.97
CA VAL A 111 16.02 8.03 -2.52
C VAL A 111 16.92 9.28 -2.68
N GLY A 112 17.43 9.83 -1.59
CA GLY A 112 18.28 11.01 -1.72
C GLY A 112 17.52 12.16 -2.33
N GLU A 113 18.11 12.79 -3.34
CA GLU A 113 17.49 13.94 -3.98
C GLU A 113 17.33 13.68 -5.43
N SER A 114 16.15 14.03 -5.93
CA SER A 114 15.88 14.08 -7.32
C SER A 114 16.06 15.52 -7.77
N ASP A 115 16.31 15.71 -9.04
CA ASP A 115 16.28 17.05 -9.59
C ASP A 115 14.85 17.59 -9.75
N ASP A 116 13.83 16.75 -9.58
CA ASP A 116 12.46 17.20 -9.78
C ASP A 116 11.72 17.07 -8.47
N PRO A 117 11.32 18.19 -7.87
CA PRO A 117 10.58 18.16 -6.60
C PRO A 117 9.22 17.45 -6.66
N MET A 118 8.73 17.18 -7.86
CA MET A 118 7.45 16.50 -8.02
C MET A 118 7.47 15.10 -7.42
N LYS A 119 8.63 14.43 -7.41
CA LYS A 119 8.71 13.11 -6.82
C LYS A 119 8.36 13.15 -5.34
N GLN A 120 8.96 14.09 -4.59
CA GLN A 120 8.62 14.20 -3.20
C GLN A 120 7.19 14.69 -3.03
N LYS A 121 6.74 15.59 -3.90
CA LYS A 121 5.40 16.12 -3.76
C LYS A 121 4.33 15.02 -3.79
N VAL A 122 4.46 14.09 -4.74
CA VAL A 122 3.45 13.04 -4.77
C VAL A 122 3.48 12.18 -3.49
N CYS A 123 4.68 11.95 -2.94
CA CYS A 123 4.78 11.27 -1.67
C CYS A 123 4.08 12.05 -0.54
N ASP A 124 4.35 13.35 -0.48
CA ASP A 124 3.73 14.20 0.54
C ASP A 124 2.23 14.18 0.42
N VAL A 125 1.73 14.21 -0.79
CA VAL A 125 0.29 14.25 -0.99
C VAL A 125 -0.38 12.89 -0.75
N ALA A 126 0.31 11.80 -1.09
CA ALA A 126 -0.19 10.46 -0.76
C ALA A 126 -0.34 10.33 0.76
N THR A 127 0.63 10.80 1.51
CA THR A 127 0.53 10.76 2.95
C THR A 127 -0.67 11.56 3.45
N MET A 128 -0.83 12.77 2.94
CA MET A 128 -1.97 13.57 3.36
C MET A 128 -3.29 12.87 2.97
N ALA A 129 -3.32 12.28 1.78
CA ALA A 129 -4.55 11.62 1.29
C ALA A 129 -4.91 10.46 2.22
N PHE A 130 -3.92 9.68 2.64
CA PHE A 130 -4.18 8.60 3.59
C PHE A 130 -4.77 9.15 4.90
N GLU A 131 -4.11 10.18 5.42
CA GLU A 131 -4.56 10.76 6.67
C GLU A 131 -6.00 11.28 6.56
N ASN A 132 -6.29 11.93 5.43
CA ASN A 132 -7.62 12.47 5.24
C ASN A 132 -8.66 11.39 5.06
N ALA A 133 -8.28 10.30 4.41
CA ALA A 133 -9.17 9.15 4.25
C ALA A 133 -9.53 8.53 5.59
N ILE A 134 -8.54 8.31 6.43
CA ILE A 134 -8.87 7.59 7.66
C ILE A 134 -9.52 8.48 8.70
N ALA A 135 -9.45 9.79 8.52
CA ALA A 135 -10.13 10.72 9.39
C ALA A 135 -11.63 10.48 9.15
N LYS A 136 -12.00 9.88 8.03
CA LYS A 136 -13.40 9.61 7.70
C LYS A 136 -13.89 8.24 8.20
N VAL A 137 -12.99 7.37 8.67
CA VAL A 137 -13.34 5.96 8.96
C VAL A 137 -14.00 5.73 10.34
N LYS A 138 -15.28 5.30 10.33
CA LYS A 138 -16.06 4.96 11.55
C LYS A 138 -17.22 4.00 11.23
N PRO A 139 -17.74 3.20 12.17
CA PRO A 139 -18.88 2.37 11.82
C PRO A 139 -20.03 3.22 11.28
N GLY A 140 -20.65 2.71 10.22
CA GLY A 140 -21.79 3.35 9.59
C GLY A 140 -21.46 4.34 8.54
N THR A 141 -20.19 4.68 8.38
CA THR A 141 -19.83 5.64 7.38
C THR A 141 -19.75 5.02 5.99
N LYS A 142 -19.95 5.82 4.93
CA LYS A 142 -19.90 5.32 3.58
C LYS A 142 -18.48 4.99 3.17
N LEU A 143 -18.29 3.80 2.60
CA LEU A 143 -17.02 3.42 2.00
C LEU A 143 -16.54 4.50 1.04
N SER A 144 -17.47 5.07 0.26
CA SER A 144 -17.11 6.03 -0.76
C SER A 144 -16.51 7.31 -0.18
N ASN A 145 -16.67 7.57 1.11
CA ASN A 145 -16.01 8.72 1.71
C ASN A 145 -14.50 8.62 1.61
N ILE A 146 -13.95 7.41 1.55
CA ILE A 146 -12.52 7.25 1.45
C ILE A 146 -12.03 7.78 0.11
N GLY A 147 -12.59 7.27 -0.98
CA GLY A 147 -12.20 7.76 -2.28
C GLY A 147 -12.51 9.22 -2.46
N LYS A 148 -13.64 9.70 -1.94
CA LYS A 148 -13.94 11.13 -2.05
C LYS A 148 -12.82 11.95 -1.41
N ALA A 149 -12.37 11.55 -0.24
CA ALA A 149 -11.29 12.26 0.43
C ALA A 149 -9.98 12.19 -0.32
N VAL A 150 -9.64 11.01 -0.83
CA VAL A 150 -8.40 10.87 -1.56
C VAL A 150 -8.37 11.79 -2.77
N HIS A 151 -9.43 11.74 -3.59
CA HIS A 151 -9.43 12.58 -4.82
C HIS A 151 -9.50 14.08 -4.47
N ASN A 152 -10.21 14.44 -3.42
CA ASN A 152 -10.27 15.85 -3.06
C ASN A 152 -8.86 16.31 -2.67
N THR A 153 -8.14 15.49 -1.89
CA THR A 153 -6.75 15.82 -1.49
C THR A 153 -5.88 16.00 -2.70
N ALA A 154 -6.01 15.11 -3.66
CA ALA A 154 -5.25 15.22 -4.90
C ALA A 154 -5.56 16.53 -5.61
N ARG A 155 -6.83 16.81 -5.79
CA ARG A 155 -7.23 18.03 -6.48
C ARG A 155 -6.73 19.28 -5.76
N GLN A 156 -6.79 19.30 -4.43
CA GLN A 156 -6.30 20.45 -3.65
C GLN A 156 -4.84 20.75 -3.92
N ASN A 157 -4.09 19.75 -4.42
CA ASN A 157 -2.67 19.86 -4.68
C ASN A 157 -2.33 19.77 -6.13
N ASP A 158 -3.31 19.97 -7.02
CA ASP A 158 -3.06 19.95 -8.44
C ASP A 158 -2.50 18.63 -8.94
N LEU A 159 -2.98 17.54 -8.35
CA LEU A 159 -2.52 16.20 -8.69
C LEU A 159 -3.71 15.32 -9.05
N LYS A 160 -3.42 14.11 -9.49
CA LYS A 160 -4.41 13.13 -9.93
C LYS A 160 -4.33 11.91 -9.04
N VAL A 161 -5.31 11.04 -9.21
CA VAL A 161 -5.26 9.73 -8.61
C VAL A 161 -5.16 8.67 -9.69
N ILE A 162 -4.62 7.52 -9.31
CA ILE A 162 -4.72 6.34 -10.20
C ILE A 162 -6.08 5.67 -9.99
N LYS A 163 -6.96 5.77 -10.97
CA LYS A 163 -8.32 5.33 -10.81
C LYS A 163 -8.45 3.82 -10.83
N ASN A 164 -7.56 3.11 -11.52
CA ASN A 164 -7.69 1.67 -11.71
C ASN A 164 -6.82 0.85 -10.77
N LEU A 165 -6.37 1.45 -9.66
CA LEU A 165 -5.78 0.70 -8.56
C LEU A 165 -6.63 1.04 -7.35
N THR A 166 -6.85 0.07 -6.48
CA THR A 166 -7.78 0.24 -5.36
C THR A 166 -7.23 -0.42 -4.11
N GLY A 167 -7.79 -0.03 -2.96
CA GLY A 167 -7.70 -0.82 -1.73
C GLY A 167 -8.71 -1.93 -1.72
N HIS A 168 -8.87 -2.54 -0.57
CA HIS A 168 -9.60 -3.81 -0.50
C HIS A 168 -9.75 -4.25 0.93
N GLY A 169 -10.74 -5.09 1.19
CA GLY A 169 -10.77 -5.79 2.45
C GLY A 169 -9.56 -6.71 2.58
N VAL A 170 -9.19 -6.95 3.83
CA VAL A 170 -8.05 -7.82 4.13
C VAL A 170 -8.33 -8.52 5.45
N GLY A 171 -7.74 -9.70 5.64
CA GLY A 171 -7.82 -10.31 6.96
C GLY A 171 -7.52 -11.79 6.90
N LEU A 172 -8.42 -12.55 6.28
CA LEU A 172 -8.20 -13.99 6.10
C LEU A 172 -7.66 -14.27 4.72
N SER A 173 -7.43 -13.21 3.94
CA SER A 173 -6.88 -13.29 2.61
C SER A 173 -6.39 -11.91 2.33
N LEU A 174 -5.57 -11.87 1.30
CA LEU A 174 -4.96 -10.63 0.96
C LEU A 174 -6.11 -9.74 0.49
N HIS A 175 -6.98 -10.23 -0.39
CA HIS A 175 -8.11 -9.50 -0.96
C HIS A 175 -9.48 -10.12 -0.68
N GLU A 176 -10.35 -9.42 0.06
CA GLU A 176 -11.74 -9.84 0.42
C GLU A 176 -12.68 -8.63 0.56
N ALA A 177 -13.97 -8.81 0.91
CA ALA A 177 -14.89 -7.67 0.88
C ALA A 177 -14.46 -6.61 1.88
N PRO A 178 -14.60 -5.33 1.56
CA PRO A 178 -15.11 -4.79 0.30
C PRO A 178 -14.11 -4.94 -0.80
N ALA A 179 -14.60 -5.33 -1.97
CA ALA A 179 -13.78 -5.67 -3.11
C ALA A 179 -12.81 -4.57 -3.46
N HIS A 180 -13.34 -3.38 -3.56
CA HIS A 180 -12.56 -2.25 -4.02
C HIS A 180 -12.81 -1.02 -3.20
N VAL A 181 -11.73 -0.45 -2.72
CA VAL A 181 -11.72 0.81 -2.02
C VAL A 181 -11.15 1.80 -3.05
N LEU A 182 -12.04 2.53 -3.72
CA LEU A 182 -11.63 3.43 -4.79
C LEU A 182 -10.86 4.65 -4.26
N ASN A 183 -10.13 5.27 -5.17
CA ASN A 183 -9.40 6.53 -4.98
C ASN A 183 -10.20 7.75 -5.42
N TYR A 184 -11.47 7.55 -5.69
CA TYR A 184 -12.35 8.63 -6.12
C TYR A 184 -13.75 8.27 -5.65
N PHE A 185 -14.64 9.23 -5.77
CA PHE A 185 -16.00 9.10 -5.29
C PHE A 185 -16.94 8.49 -6.30
N ASP A 186 -17.60 7.41 -5.91
CA ASP A 186 -18.70 6.79 -6.68
C ASP A 186 -20.01 7.14 -5.95
N PRO A 187 -20.81 8.06 -6.52
CA PRO A 187 -22.04 8.51 -5.84
C PRO A 187 -23.12 7.44 -5.72
N LYS A 188 -22.98 6.31 -6.41
CA LYS A 188 -24.00 5.27 -6.34
C LYS A 188 -23.71 4.22 -5.27
N ASP A 189 -22.51 4.25 -4.68
CA ASP A 189 -22.14 3.21 -3.73
C ASP A 189 -22.74 3.47 -2.37
N LYS A 190 -23.55 2.52 -1.88
CA LYS A 190 -24.17 2.62 -0.57
C LYS A 190 -23.48 1.74 0.48
N THR A 191 -22.39 1.08 0.09
CA THR A 191 -21.67 0.22 1.02
C THR A 191 -21.20 1.04 2.23
N LEU A 192 -21.37 0.46 3.39
CA LEU A 192 -20.92 1.08 4.61
C LEU A 192 -19.77 0.33 5.24
N LEU A 193 -18.99 1.06 6.02
CA LEU A 193 -18.04 0.47 6.95
C LEU A 193 -18.78 -0.01 8.18
N THR A 194 -18.32 -1.07 8.79
CA THR A 194 -18.96 -1.61 9.97
C THR A 194 -17.92 -1.89 11.05
N GLU A 195 -18.38 -2.03 12.28
CA GLU A 195 -17.51 -2.25 13.43
C GLU A 195 -16.74 -3.54 13.24
N GLY A 196 -15.42 -3.43 13.35
CA GLY A 196 -14.51 -4.54 13.20
C GLY A 196 -14.08 -4.81 11.77
N MET A 197 -14.56 -4.06 10.79
CA MET A 197 -14.15 -4.26 9.41
C MET A 197 -12.67 -3.93 9.26
N VAL A 198 -11.98 -4.80 8.50
CA VAL A 198 -10.54 -4.64 8.25
C VAL A 198 -10.31 -4.34 6.79
N LEU A 199 -9.63 -3.25 6.49
CA LEU A 199 -9.42 -2.93 5.11
C LEU A 199 -8.03 -2.34 4.92
N ALA A 200 -7.50 -2.54 3.73
CA ALA A 200 -6.29 -1.91 3.26
C ALA A 200 -6.71 -0.69 2.47
N ILE A 201 -6.26 0.47 2.95
CA ILE A 201 -6.49 1.77 2.34
C ILE A 201 -5.15 2.21 1.73
N GLU A 202 -5.13 2.44 0.42
CA GLU A 202 -3.90 2.62 -0.32
C GLU A 202 -4.07 3.67 -1.42
N PRO A 203 -4.18 4.95 -1.08
CA PRO A 203 -4.22 5.99 -2.11
C PRO A 203 -2.96 5.90 -2.97
N PHE A 204 -3.14 6.10 -4.28
CA PHE A 204 -2.12 6.28 -5.30
C PHE A 204 -2.32 7.65 -5.92
N ILE A 205 -1.34 8.54 -5.70
CA ILE A 205 -1.35 9.92 -6.16
C ILE A 205 -0.35 10.08 -7.27
N SER A 206 -0.77 10.70 -8.36
CA SER A 206 -0.02 10.77 -9.58
C SER A 206 0.19 12.21 -10.08
N SER A 207 1.36 12.43 -10.66
CA SER A 207 1.67 13.72 -11.24
C SER A 207 0.93 13.97 -12.52
N ASN A 208 0.38 12.96 -13.18
CA ASN A 208 -0.25 13.17 -14.50
C ASN A 208 -1.24 12.08 -14.87
N ALA A 209 -0.77 10.87 -15.04
CA ALA A 209 -1.64 9.80 -15.48
C ALA A 209 -2.72 9.50 -14.44
N SER A 210 -3.90 9.11 -14.92
CA SER A 210 -5.03 8.75 -14.08
C SER A 210 -5.24 7.24 -14.03
N PHE A 211 -4.32 6.46 -14.60
CA PHE A 211 -4.47 5.01 -14.69
C PHE A 211 -3.10 4.42 -14.97
N VAL A 212 -2.95 3.14 -14.67
CA VAL A 212 -1.79 2.37 -15.02
C VAL A 212 -2.12 1.34 -16.09
N THR A 213 -1.07 0.85 -16.74
CA THR A 213 -1.13 -0.19 -17.77
C THR A 213 -0.10 -1.26 -17.49
N GLU A 214 -0.22 -2.36 -18.22
CA GLU A 214 0.76 -3.44 -18.18
C GLU A 214 2.14 -2.91 -18.54
N GLY A 215 3.12 -3.29 -17.74
CA GLY A 215 4.47 -2.81 -17.89
C GLY A 215 5.40 -3.78 -18.61
N LYS A 216 6.64 -3.81 -18.16
CA LYS A 216 7.72 -4.50 -18.87
C LYS A 216 7.68 -5.99 -18.72
N ASN A 217 6.80 -6.50 -17.88
CA ASN A 217 6.65 -7.90 -17.68
C ASN A 217 5.19 -8.17 -17.31
N GLU A 218 4.84 -9.42 -17.04
CA GLU A 218 3.45 -9.78 -16.80
C GLU A 218 2.93 -9.36 -15.42
N TRP A 219 3.79 -8.77 -14.58
CA TRP A 219 3.37 -8.33 -13.26
C TRP A 219 3.30 -6.83 -13.09
N ALA A 220 4.35 -6.10 -13.47
CA ALA A 220 4.48 -4.69 -13.09
C ALA A 220 3.43 -3.84 -13.76
N PHE A 221 2.93 -2.86 -13.05
CA PHE A 221 2.07 -1.82 -13.59
C PHE A 221 2.86 -0.54 -13.72
N GLU A 222 2.72 0.12 -14.85
CA GLU A 222 3.50 1.29 -15.16
C GLU A 222 2.58 2.37 -15.74
N THR A 223 3.18 3.53 -15.96
CA THR A 223 2.56 4.54 -16.79
C THR A 223 3.46 4.77 -17.99
N SER A 224 2.87 4.78 -19.18
CA SER A 224 3.63 5.02 -20.40
C SER A 224 4.22 6.42 -20.41
N ASP A 225 3.56 7.38 -19.79
CA ASP A 225 4.03 8.77 -19.71
C ASP A 225 5.02 9.00 -18.57
N LYS A 226 5.35 7.96 -17.84
CA LYS A 226 6.35 8.02 -16.75
C LYS A 226 5.99 9.06 -15.72
N SER A 227 4.72 9.09 -15.38
CA SER A 227 4.25 9.89 -14.26
C SER A 227 4.97 9.46 -12.98
N PHE A 228 5.06 10.39 -12.07
CA PHE A 228 5.50 10.11 -10.72
C PHE A 228 4.28 9.76 -9.90
N VAL A 229 4.30 8.57 -9.30
CA VAL A 229 3.13 8.10 -8.55
C VAL A 229 3.60 7.64 -7.21
N ALA A 230 2.89 7.97 -6.16
CA ALA A 230 3.20 7.54 -4.81
C ALA A 230 1.99 6.87 -4.17
N GLN A 231 2.30 5.85 -3.38
CA GLN A 231 1.32 5.12 -2.61
C GLN A 231 1.67 5.22 -1.13
N ILE A 232 0.67 5.29 -0.26
CA ILE A 232 0.78 4.98 1.15
C ILE A 232 -0.32 3.97 1.45
N GLU A 233 0.05 2.86 2.08
CA GLU A 233 -0.95 1.83 2.38
C GLU A 233 -0.80 1.37 3.83
N HIS A 234 -1.94 1.24 4.51
CA HIS A 234 -2.01 0.61 5.80
C HIS A 234 -3.21 -0.32 5.85
N THR A 235 -3.10 -1.29 6.75
CA THR A 235 -4.24 -2.13 7.15
C THR A 235 -4.87 -1.48 8.36
N VAL A 236 -6.20 -1.29 8.27
CA VAL A 236 -6.98 -0.49 9.20
C VAL A 236 -8.17 -1.29 9.68
N ILE A 237 -8.42 -1.23 10.98
CA ILE A 237 -9.59 -1.83 11.59
C ILE A 237 -10.50 -0.69 12.03
N VAL A 238 -11.75 -0.76 11.55
CA VAL A 238 -12.77 0.24 11.85
C VAL A 238 -13.34 -0.09 13.22
N THR A 239 -13.18 0.80 14.17
CA THR A 239 -13.74 0.57 15.50
C THR A 239 -14.56 1.76 15.95
N LYS A 240 -15.37 1.61 17.00
CA LYS A 240 -16.16 2.75 17.51
C LYS A 240 -15.29 3.86 18.04
N ASP A 241 -14.11 3.52 18.55
CA ASP A 241 -13.23 4.50 19.15
C ASP A 241 -12.18 5.02 18.20
N GLY A 242 -12.36 4.74 16.91
CA GLY A 242 -11.44 5.21 15.91
C GLY A 242 -10.72 4.10 15.17
N PRO A 243 -10.10 4.43 14.04
CA PRO A 243 -9.37 3.42 13.25
C PRO A 243 -8.15 2.93 14.01
N ILE A 244 -7.91 1.63 13.96
CA ILE A 244 -6.66 1.01 14.47
C ILE A 244 -5.85 0.63 13.28
N LEU A 245 -4.61 1.10 13.20
CA LEU A 245 -3.77 0.69 12.10
C LEU A 245 -2.87 -0.43 12.52
N THR A 246 -2.99 -1.62 11.96
CA THR A 246 -2.16 -2.73 12.40
C THR A 246 -0.73 -2.62 11.91
N THR A 247 -0.52 -1.82 10.86
CA THR A 247 0.74 -1.74 10.16
C THR A 247 1.49 -0.40 10.49
N LYS A 248 0.95 0.38 11.44
CA LYS A 248 1.65 1.58 11.91
C LYS A 248 2.23 1.27 13.28
N ILE A 249 3.51 1.55 13.44
CA ILE A 249 4.24 1.14 14.62
C ILE A 249 5.23 2.18 14.94
CO CO B . -3.29 -3.73 -0.76
CO CO C . -0.03 -3.68 -0.62
CO CO D . -4.16 -5.24 -4.02
C ACT E . -8.18 12.05 -11.39
O ACT E . -7.70 11.11 -12.11
OXT ACT E . -7.60 12.41 -10.38
CH3 ACT E . -9.43 12.80 -11.63
OA M2C F . -1.59 -3.46 -1.92
C7 M2C F . -1.76 -4.41 -2.94
O8 M2C F . -2.99 -5.08 -2.60
C9 M2C F . -0.56 -5.36 -2.95
C11 M2C F . -0.78 -6.65 -3.74
C12 M2C F . 0.40 -7.64 -3.65
S13 M2C F . 0.17 -9.12 -4.64
C14 M2C F . 0.00 -10.42 -3.48
N10 M2C F . -0.02 -5.54 -1.63
C1 M2C F . -1.86 -3.64 -4.21
C2 M2C F . -0.84 -2.86 -4.65
C3 M2C F . -0.97 -2.17 -5.84
C4 M2C F . -2.17 -2.19 -6.48
C5 M2C F . -3.19 -2.95 -5.96
N6 M2C F . -3.03 -3.67 -4.83
#